data_5SYM
#
_entry.id   5SYM
#
_cell.length_a   71.670
_cell.length_b   73.690
_cell.length_c   81.820
_cell.angle_alpha   90.000
_cell.angle_beta   90.000
_cell.angle_gamma   90.000
#
_symmetry.space_group_name_H-M   'P 2 21 21'
#
loop_
_entity.id
_entity.type
_entity.pdbx_description
1 polymer 'Acyl-protein thioesterase 1'
2 non-polymer N-[2-chloro-5-(trifluoromethyl)phenyl]-2-[4-(furan-2-carbonyl)piperazin-1-yl]acetamide
3 non-polymer 1,2-ETHANEDIOL
4 non-polymer 'CHLORIDE ION'
5 water water
#
_entity_poly.entity_id   1
_entity_poly.type   'polypeptide(L)'
_entity_poly.pdbx_seq_one_letter_code
;MCGNNMSTPLPAIVPAARKATAAVIFLHGLGDTGHGWAEAFAGIRSSHIKYICPHAPVRPVTLNMNVAMPSWFDIIGLSP
DSQEDESGIKQAAENIKALIDQEVKNGIPSNRIILGGFSQGGALSLYTALTTQQKLAGVTALSCWLPLRASFPQGPIGGA
NRDISILQCHGDCDPLVPLMFGSLTVEKLKTLVNPANVTFKTYEGMMHSSCQQEMMDVKQFIDKLLPPID
;
_entity_poly.pdbx_strand_id   A,B
#
loop_
_chem_comp.id
_chem_comp.type
_chem_comp.name
_chem_comp.formula
71Q non-polymer N-[2-chloro-5-(trifluoromethyl)phenyl]-2-[4-(furan-2-carbonyl)piperazin-1-yl]acetamide 'C18 H17 Cl F3 N3 O3'
CL non-polymer 'CHLORIDE ION' 'Cl -1'
EDO non-polymer 1,2-ETHANEDIOL 'C2 H6 O2'
#
# COMPACT_ATOMS: atom_id res chain seq x y z
N THR A 8 22.98 3.75 -0.72
CA THR A 8 22.65 5.18 -0.73
C THR A 8 21.25 5.37 -1.42
N PRO A 9 20.45 6.41 -1.10
CA PRO A 9 20.72 7.55 -0.20
C PRO A 9 21.06 7.13 1.21
N LEU A 10 21.79 8.00 1.89
CA LEU A 10 22.35 7.75 3.19
C LEU A 10 21.25 7.63 4.21
N PRO A 11 21.38 6.73 5.20
CA PRO A 11 20.34 6.65 6.23
C PRO A 11 20.09 7.94 7.01
N ALA A 12 18.85 8.10 7.52
CA ALA A 12 18.49 9.20 8.42
C ALA A 12 19.11 8.84 9.76
N ILE A 13 19.91 9.74 10.35
CA ILE A 13 20.62 9.48 11.60
C ILE A 13 20.24 10.50 12.68
N VAL A 14 19.96 10.00 13.88
CA VAL A 14 19.77 10.78 15.08
C VAL A 14 21.05 10.58 15.80
N PRO A 15 21.97 11.56 15.83
CA PRO A 15 23.24 11.30 16.53
C PRO A 15 23.05 11.20 18.03
N ALA A 16 24.00 10.56 18.66
CA ALA A 16 24.07 10.55 20.12
C ALA A 16 24.57 11.92 20.58
N ALA A 17 24.23 12.32 21.81
CA ALA A 17 24.68 13.61 22.37
C ALA A 17 26.16 13.54 22.73
N ARG A 18 26.61 12.32 23.06
CA ARG A 18 28.01 11.99 23.37
C ARG A 18 28.38 10.72 22.60
N LYS A 19 29.67 10.50 22.32
CA LYS A 19 30.13 9.32 21.58
C LYS A 19 29.23 8.11 21.86
N ALA A 20 28.60 7.59 20.83
CA ALA A 20 27.62 6.53 21.03
C ALA A 20 28.26 5.25 21.52
N THR A 21 27.62 4.63 22.53
CA THR A 21 28.04 3.34 23.09
C THR A 21 27.01 2.27 22.74
N ALA A 22 26.01 2.61 21.92
CA ALA A 22 24.96 1.71 21.49
C ALA A 22 24.24 2.29 20.29
N ALA A 23 23.50 1.47 19.55
CA ALA A 23 22.79 1.99 18.40
C ALA A 23 21.49 1.27 18.21
N VAL A 24 20.57 1.93 17.52
CA VAL A 24 19.28 1.38 17.15
C VAL A 24 19.18 1.51 15.66
N ILE A 25 18.90 0.40 14.95
CA ILE A 25 18.71 0.41 13.50
C ILE A 25 17.25 0.12 13.28
N PHE A 26 16.49 1.05 12.72
CA PHE A 26 15.04 0.90 12.59
C PHE A 26 14.65 0.98 11.14
N LEU A 27 13.86 0.01 10.69
CA LEU A 27 13.49 -0.15 9.29
C LEU A 27 12.02 0.23 9.07
N HIS A 28 11.79 1.26 8.27
CA HIS A 28 10.45 1.74 7.98
C HIS A 28 9.64 0.71 7.18
N GLY A 29 8.35 0.99 7.00
CA GLY A 29 7.46 0.14 6.22
C GLY A 29 7.26 0.55 4.77
N LEU A 30 6.39 -0.17 4.07
CA LEU A 30 6.10 0.07 2.65
C LEU A 30 5.77 1.51 2.39
N GLY A 31 6.33 2.06 1.31
CA GLY A 31 5.97 3.41 0.90
C GLY A 31 6.69 4.57 1.57
N ASP A 32 7.34 4.32 2.70
CA ASP A 32 7.94 5.36 3.52
C ASP A 32 9.44 5.56 3.24
N THR A 33 10.02 6.50 3.95
CA THR A 33 11.45 6.74 4.05
C THR A 33 11.76 6.57 5.52
N GLY A 34 13.01 6.75 5.89
CA GLY A 34 13.44 6.70 7.29
C GLY A 34 13.22 7.98 8.08
N HIS A 35 12.83 9.10 7.43
CA HIS A 35 12.67 10.38 8.14
C HIS A 35 11.62 10.41 9.30
N GLY A 36 10.39 9.97 9.06
CA GLY A 36 9.33 10.02 10.07
C GLY A 36 9.69 9.20 11.31
N TRP A 37 10.19 7.99 11.09
CA TRP A 37 10.64 7.18 12.21
C TRP A 37 11.85 7.81 12.89
N ALA A 38 12.77 8.46 12.14
CA ALA A 38 13.90 9.13 12.79
C ALA A 38 13.41 10.24 13.75
N GLU A 39 12.36 11.00 13.33
CA GLU A 39 11.80 12.04 14.20
C GLU A 39 11.14 11.41 15.44
N ALA A 40 10.46 10.26 15.29
CA ALA A 40 9.84 9.56 16.43
C ALA A 40 10.92 9.12 17.42
N PHE A 41 12.01 8.52 16.92
CA PHE A 41 13.09 8.10 17.83
C PHE A 41 13.82 9.30 18.40
N ALA A 42 13.90 10.45 17.69
CA ALA A 42 14.51 11.65 18.24
C ALA A 42 13.75 12.13 19.49
N GLY A 43 12.44 11.93 19.51
CA GLY A 43 11.62 12.31 20.66
C GLY A 43 11.74 11.40 21.87
N ILE A 44 12.37 10.20 21.73
CA ILE A 44 12.63 9.32 22.88
C ILE A 44 14.15 9.06 23.02
N ARG A 45 15.00 9.87 22.36
CA ARG A 45 16.40 9.58 22.27
C ARG A 45 17.11 9.57 23.61
N SER A 46 18.07 8.64 23.73
CA SER A 46 19.00 8.53 24.86
C SER A 46 20.32 9.18 24.43
N SER A 47 20.97 9.90 25.35
CA SER A 47 22.21 10.62 25.09
CA SER A 47 22.19 10.63 25.04
C SER A 47 23.34 9.77 24.50
N HIS A 48 23.40 8.47 24.84
CA HIS A 48 24.47 7.58 24.39
C HIS A 48 24.11 6.65 23.23
N ILE A 49 22.96 6.85 22.59
CA ILE A 49 22.54 5.95 21.51
C ILE A 49 22.42 6.73 20.23
N LYS A 50 22.92 6.14 19.13
CA LYS A 50 22.80 6.65 17.77
C LYS A 50 21.63 5.89 17.13
N TYR A 51 20.72 6.59 16.47
CA TYR A 51 19.57 5.92 15.83
C TYR A 51 19.71 6.06 14.32
N ILE A 52 19.70 4.93 13.61
CA ILE A 52 19.88 4.83 12.17
C ILE A 52 18.62 4.30 11.56
N CYS A 53 18.05 5.07 10.62
CA CYS A 53 16.84 4.71 9.90
C CYS A 53 17.13 4.72 8.42
N PRO A 54 17.57 3.59 7.89
CA PRO A 54 17.91 3.54 6.46
C PRO A 54 16.66 3.60 5.59
N HIS A 55 16.87 3.98 4.33
CA HIS A 55 15.79 4.18 3.36
C HIS A 55 15.73 3.00 2.42
N ALA A 56 14.55 2.38 2.27
CA ALA A 56 14.39 1.27 1.36
C ALA A 56 14.50 1.74 -0.06
N PRO A 57 15.05 0.91 -0.95
CA PRO A 57 15.07 1.27 -2.36
C PRO A 57 13.66 1.32 -2.94
N VAL A 58 13.48 2.12 -4.00
CA VAL A 58 12.21 2.20 -4.72
C VAL A 58 12.20 1.05 -5.70
N ARG A 59 11.17 0.20 -5.65
CA ARG A 59 11.12 -0.96 -6.54
C ARG A 59 9.68 -1.34 -6.82
N PRO A 60 9.42 -2.08 -7.91
CA PRO A 60 8.04 -2.51 -8.18
C PRO A 60 7.46 -3.42 -7.10
N VAL A 61 6.18 -3.21 -6.74
CA VAL A 61 5.52 -4.02 -5.74
C VAL A 61 4.41 -4.78 -6.41
N THR A 62 4.50 -6.11 -6.43
CA THR A 62 3.57 -6.96 -7.15
C THR A 62 2.15 -6.79 -6.65
N LEU A 63 1.98 -6.70 -5.32
CA LEU A 63 0.66 -6.51 -4.72
C LEU A 63 -0.07 -5.30 -5.30
N ASN A 64 0.67 -4.25 -5.72
CA ASN A 64 0.09 -3.03 -6.25
C ASN A 64 0.51 -2.80 -7.71
N MET A 65 0.17 -3.75 -8.55
CA MET A 65 0.39 -3.71 -10.00
C MET A 65 1.76 -3.18 -10.39
N ASN A 66 2.77 -3.73 -9.73
CA ASN A 66 4.17 -3.40 -10.02
C ASN A 66 4.48 -1.91 -9.91
N VAL A 67 3.64 -1.12 -9.20
CA VAL A 67 3.91 0.29 -8.99
C VAL A 67 5.16 0.38 -8.13
N ALA A 68 6.07 1.27 -8.53
CA ALA A 68 7.34 1.44 -7.85
C ALA A 68 7.15 2.25 -6.58
N MET A 69 7.62 1.71 -5.48
CA MET A 69 7.58 2.46 -4.23
CA MET A 69 7.42 2.25 -4.13
C MET A 69 8.63 1.93 -3.28
N PRO A 70 9.04 2.73 -2.27
CA PRO A 70 10.06 2.25 -1.33
C PRO A 70 9.58 0.94 -0.70
N SER A 71 10.43 -0.08 -0.80
CA SER A 71 10.10 -1.39 -0.26
CA SER A 71 10.11 -1.40 -0.28
C SER A 71 11.38 -2.22 -0.09
N TRP A 72 11.52 -2.89 1.06
CA TRP A 72 12.70 -3.68 1.35
C TRP A 72 12.76 -4.96 0.53
N PHE A 73 11.60 -5.42 0.08
CA PHE A 73 11.47 -6.63 -0.71
C PHE A 73 10.06 -6.64 -1.32
N ASP A 74 9.79 -7.56 -2.25
CA ASP A 74 8.47 -7.58 -2.89
C ASP A 74 7.40 -8.14 -1.98
N ILE A 75 6.16 -7.71 -2.20
CA ILE A 75 4.98 -8.15 -1.47
C ILE A 75 4.05 -8.76 -2.48
N ILE A 76 3.63 -10.00 -2.27
CA ILE A 76 2.77 -10.70 -3.22
C ILE A 76 1.34 -10.91 -2.69
N GLY A 77 1.16 -11.03 -1.39
CA GLY A 77 -0.18 -11.19 -0.85
C GLY A 77 -0.19 -10.98 0.64
N LEU A 78 -1.40 -11.01 1.22
CA LEU A 78 -1.63 -10.72 2.64
C LEU A 78 -2.26 -11.87 3.40
N SER A 79 -2.52 -13.04 2.77
CA SER A 79 -3.24 -14.15 3.40
C SER A 79 -2.27 -15.24 3.88
N PRO A 80 -2.67 -16.14 4.81
CA PRO A 80 -1.75 -17.19 5.29
C PRO A 80 -1.11 -18.05 4.19
N ASP A 81 -1.86 -18.34 3.10
CA ASP A 81 -1.35 -19.14 1.99
C ASP A 81 -0.56 -18.30 0.97
N SER A 82 -0.42 -16.96 1.16
CA SER A 82 0.28 -16.11 0.19
C SER A 82 1.78 -16.37 0.16
N GLN A 83 2.37 -16.32 -1.03
CA GLN A 83 3.80 -16.52 -1.22
C GLN A 83 4.54 -15.27 -0.75
N GLU A 84 5.76 -15.44 -0.22
CA GLU A 84 6.60 -14.32 0.18
C GLU A 84 7.82 -14.33 -0.74
N ASP A 85 8.47 -13.17 -0.86
CA ASP A 85 9.62 -12.99 -1.76
C ASP A 85 10.87 -13.51 -1.03
N GLU A 86 11.10 -14.81 -1.11
CA GLU A 86 12.24 -15.45 -0.45
C GLU A 86 13.59 -14.82 -0.84
N SER A 87 13.87 -14.60 -2.12
CA SER A 87 15.19 -14.06 -2.51
C SER A 87 15.38 -12.60 -2.08
N GLY A 88 14.34 -11.78 -2.19
CA GLY A 88 14.43 -10.38 -1.78
C GLY A 88 14.55 -10.22 -0.28
N ILE A 89 13.82 -11.04 0.49
CA ILE A 89 13.90 -10.98 1.95
C ILE A 89 15.33 -11.34 2.40
N LYS A 90 15.88 -12.43 1.85
CA LYS A 90 17.22 -12.85 2.22
C LYS A 90 18.26 -11.82 1.80
N GLN A 91 18.14 -11.24 0.61
CA GLN A 91 19.05 -10.22 0.11
C GLN A 91 19.01 -9.00 1.03
N ALA A 92 17.80 -8.53 1.36
CA ALA A 92 17.63 -7.38 2.23
C ALA A 92 18.23 -7.67 3.61
N ALA A 93 18.06 -8.90 4.14
CA ALA A 93 18.63 -9.26 5.44
C ALA A 93 20.15 -9.23 5.44
N GLU A 94 20.80 -9.67 4.34
CA GLU A 94 22.26 -9.59 4.24
C GLU A 94 22.69 -8.09 4.17
N ASN A 95 21.89 -7.22 3.54
CA ASN A 95 22.20 -5.78 3.51
C ASN A 95 22.14 -5.20 4.94
N ILE A 96 21.14 -5.60 5.75
CA ILE A 96 21.05 -5.13 7.13
C ILE A 96 22.25 -5.68 7.94
N LYS A 97 22.64 -6.96 7.73
CA LYS A 97 23.78 -7.52 8.41
C LYS A 97 25.04 -6.72 8.09
N ALA A 98 25.16 -6.21 6.85
CA ALA A 98 26.30 -5.39 6.46
C ALA A 98 26.27 -4.04 7.20
N LEU A 99 25.08 -3.45 7.47
CA LEU A 99 24.96 -2.22 8.22
C LEU A 99 25.36 -2.45 9.69
N ILE A 100 24.98 -3.61 10.27
CA ILE A 100 25.37 -3.99 11.64
C ILE A 100 26.89 -4.11 11.73
N ASP A 101 27.47 -4.80 10.75
CA ASP A 101 28.92 -4.98 10.60
C ASP A 101 29.65 -3.62 10.58
N GLN A 102 29.12 -2.61 9.84
CA GLN A 102 29.72 -1.27 9.76
C GLN A 102 29.77 -0.63 11.13
N GLU A 103 28.65 -0.73 11.86
CA GLU A 103 28.56 -0.16 13.22
C GLU A 103 29.52 -0.86 14.17
N VAL A 104 29.73 -2.17 14.02
CA VAL A 104 30.67 -2.93 14.86
C VAL A 104 32.10 -2.51 14.58
N LYS A 105 32.50 -2.52 13.29
CA LYS A 105 33.85 -2.13 12.91
C LYS A 105 34.15 -0.69 13.35
N ASN A 106 33.10 0.18 13.36
CA ASN A 106 33.23 1.60 13.76
C ASN A 106 33.10 1.84 15.29
N GLY A 107 33.08 0.78 16.11
CA GLY A 107 33.18 0.89 17.55
C GLY A 107 31.99 0.58 18.42
N ILE A 108 30.85 0.16 17.84
CA ILE A 108 29.66 -0.18 18.62
C ILE A 108 29.48 -1.69 18.51
N PRO A 109 29.76 -2.46 19.58
CA PRO A 109 29.61 -3.91 19.49
C PRO A 109 28.19 -4.30 19.12
N SER A 110 28.03 -5.44 18.45
CA SER A 110 26.70 -5.87 18.05
C SER A 110 25.81 -6.14 19.26
N ASN A 111 26.37 -6.54 20.42
CA ASN A 111 25.55 -6.76 21.61
C ASN A 111 25.08 -5.43 22.23
N ARG A 112 25.44 -4.28 21.62
CA ARG A 112 24.94 -2.97 21.98
C ARG A 112 24.08 -2.38 20.84
N ILE A 113 23.56 -3.23 19.94
CA ILE A 113 22.69 -2.79 18.84
C ILE A 113 21.34 -3.45 18.97
N ILE A 114 20.29 -2.66 18.84
CA ILE A 114 18.92 -3.16 18.75
C ILE A 114 18.47 -2.97 17.32
N LEU A 115 17.81 -3.97 16.73
CA LEU A 115 17.28 -3.85 15.38
CA LEU A 115 17.23 -3.88 15.38
C LEU A 115 15.78 -3.72 15.55
N GLY A 116 15.10 -3.09 14.64
CA GLY A 116 13.67 -2.95 14.79
C GLY A 116 13.07 -2.45 13.51
N GLY A 117 11.75 -2.46 13.46
CA GLY A 117 11.08 -1.91 12.30
C GLY A 117 9.58 -1.92 12.42
N PHE A 118 8.94 -1.33 11.41
CA PHE A 118 7.50 -1.26 11.32
C PHE A 118 7.02 -2.01 10.11
N SER A 119 6.02 -2.88 10.31
CA SER A 119 5.37 -3.62 9.24
C SER A 119 6.46 -4.42 8.44
N GLN A 120 6.60 -4.28 7.11
CA GLN A 120 7.62 -5.08 6.40
CA GLN A 120 7.62 -5.07 6.39
C GLN A 120 9.02 -4.84 6.98
N GLY A 121 9.28 -3.63 7.48
CA GLY A 121 10.54 -3.33 8.15
C GLY A 121 10.68 -4.12 9.45
N GLY A 122 9.58 -4.30 10.20
CA GLY A 122 9.60 -5.12 11.40
C GLY A 122 9.85 -6.58 11.07
N ALA A 123 9.19 -7.06 10.02
CA ALA A 123 9.35 -8.44 9.54
C ALA A 123 10.81 -8.67 9.18
N LEU A 124 11.41 -7.71 8.45
CA LEU A 124 12.81 -7.80 8.09
C LEU A 124 13.70 -7.79 9.32
N SER A 125 13.41 -6.96 10.32
CA SER A 125 14.22 -6.94 11.53
CA SER A 125 14.22 -6.92 11.52
C SER A 125 14.19 -8.29 12.25
N LEU A 126 13.01 -8.95 12.31
CA LEU A 126 12.94 -10.26 12.96
C LEU A 126 13.74 -11.26 12.17
N TYR A 127 13.55 -11.31 10.84
CA TYR A 127 14.27 -12.25 10.02
C TYR A 127 15.79 -12.07 10.13
N THR A 128 16.25 -10.81 10.14
CA THR A 128 17.69 -10.54 10.23
C THR A 128 18.21 -10.99 11.60
N ALA A 129 17.56 -10.59 12.69
CA ALA A 129 18.01 -10.95 14.03
C ALA A 129 18.01 -12.46 14.25
N LEU A 130 17.00 -13.18 13.72
CA LEU A 130 16.86 -14.64 13.91
C LEU A 130 17.70 -15.47 12.93
N THR A 131 18.49 -14.83 12.05
CA THR A 131 19.39 -15.56 11.20
C THR A 131 20.85 -15.17 11.48
N THR A 132 21.15 -13.93 11.83
CA THR A 132 22.54 -13.51 12.05
C THR A 132 23.18 -14.16 13.29
N GLN A 133 24.49 -14.42 13.20
CA GLN A 133 25.29 -14.95 14.29
C GLN A 133 26.10 -13.83 14.96
N GLN A 134 25.83 -12.55 14.59
CA GLN A 134 26.31 -11.36 15.28
C GLN A 134 25.32 -11.21 16.44
N LYS A 135 25.75 -11.40 17.71
CA LYS A 135 24.84 -11.32 18.85
C LYS A 135 24.31 -9.89 18.97
N LEU A 136 22.99 -9.72 19.08
CA LEU A 136 22.36 -8.41 19.18
C LEU A 136 21.78 -8.22 20.56
N ALA A 137 21.50 -6.96 20.93
CA ALA A 137 20.88 -6.69 22.23
C ALA A 137 19.39 -7.04 22.21
N GLY A 138 18.70 -6.71 21.13
CA GLY A 138 17.27 -6.96 21.09
C GLY A 138 16.62 -6.50 19.81
N VAL A 139 15.31 -6.69 19.73
CA VAL A 139 14.52 -6.33 18.59
C VAL A 139 13.23 -5.63 19.03
N THR A 140 12.85 -4.53 18.35
CA THR A 140 11.55 -3.86 18.52
C THR A 140 10.77 -4.09 17.21
N ALA A 141 9.81 -5.02 17.21
CA ALA A 141 9.06 -5.43 16.03
C ALA A 141 7.68 -4.85 16.10
N LEU A 142 7.39 -3.84 15.27
CA LEU A 142 6.13 -3.11 15.38
C LEU A 142 5.17 -3.42 14.26
N SER A 143 3.96 -3.84 14.61
CA SER A 143 2.85 -4.05 13.67
C SER A 143 3.32 -4.90 12.51
N CYS A 144 3.91 -6.06 12.81
CA CYS A 144 4.48 -6.86 11.76
C CYS A 144 4.24 -8.34 11.96
N TRP A 145 4.98 -9.14 11.22
CA TRP A 145 4.87 -10.59 11.24
C TRP A 145 6.26 -11.21 11.02
N LEU A 146 6.41 -12.51 11.29
CA LEU A 146 7.67 -13.22 11.01
C LEU A 146 7.61 -13.65 9.56
N PRO A 147 8.50 -13.18 8.66
CA PRO A 147 8.40 -13.61 7.26
C PRO A 147 9.09 -14.96 7.08
N LEU A 148 8.76 -15.68 6.01
CA LEU A 148 9.28 -17.04 5.74
C LEU A 148 9.21 -17.91 6.99
N ARG A 149 8.09 -17.83 7.70
CA ARG A 149 7.93 -18.54 8.97
C ARG A 149 8.16 -20.06 8.84
N ALA A 150 7.78 -20.68 7.70
CA ALA A 150 7.95 -22.13 7.53
C ALA A 150 9.41 -22.58 7.33
N SER A 151 10.32 -21.66 7.02
CA SER A 151 11.74 -21.95 6.82
C SER A 151 12.50 -22.06 8.15
N PHE A 152 11.92 -21.55 9.26
CA PHE A 152 12.56 -21.65 10.58
C PHE A 152 12.39 -23.04 11.14
N PRO A 153 13.22 -23.45 12.11
CA PRO A 153 13.03 -24.78 12.71
C PRO A 153 11.73 -24.86 13.53
N GLN A 154 11.35 -26.08 13.85
CA GLN A 154 10.13 -26.31 14.63
C GLN A 154 10.38 -26.09 16.12
N GLY A 155 11.64 -26.05 16.52
CA GLY A 155 12.06 -25.84 17.90
C GLY A 155 12.91 -24.58 18.05
N PRO A 156 13.80 -24.55 19.04
CA PRO A 156 14.65 -23.37 19.22
C PRO A 156 15.66 -23.16 18.08
N ILE A 157 15.98 -21.90 17.78
CA ILE A 157 16.94 -21.59 16.72
C ILE A 157 18.35 -21.90 17.15
N GLY A 158 18.66 -21.74 18.45
CA GLY A 158 20.02 -21.89 18.93
C GLY A 158 20.87 -20.72 18.42
N GLY A 159 22.17 -20.85 18.54
CA GLY A 159 23.08 -19.83 18.03
C GLY A 159 23.21 -18.59 18.88
N ALA A 160 23.88 -17.59 18.32
CA ALA A 160 24.22 -16.33 18.98
C ALA A 160 23.04 -15.61 19.61
N ASN A 161 21.88 -15.63 18.94
CA ASN A 161 20.70 -14.87 19.37
C ASN A 161 19.59 -15.73 19.97
N ARG A 162 19.94 -16.88 20.54
CA ARG A 162 19.00 -17.78 21.20
C ARG A 162 18.28 -17.17 22.41
N ASP A 163 18.88 -16.18 23.10
CA ASP A 163 18.29 -15.52 24.27
C ASP A 163 17.99 -14.04 24.00
N ILE A 164 17.84 -13.67 22.72
CA ILE A 164 17.59 -12.29 22.34
C ILE A 164 16.26 -11.78 22.92
N SER A 165 16.24 -10.55 23.40
CA SER A 165 15.03 -9.95 23.91
C SER A 165 14.26 -9.36 22.75
N ILE A 166 12.96 -9.54 22.72
CA ILE A 166 12.13 -9.01 21.65
C ILE A 166 10.95 -8.33 22.24
N LEU A 167 10.67 -7.12 21.77
CA LEU A 167 9.43 -6.41 22.07
C LEU A 167 8.65 -6.39 20.81
N GLN A 168 7.48 -7.03 20.77
CA GLN A 168 6.61 -7.04 19.61
CA GLN A 168 6.61 -7.04 19.61
C GLN A 168 5.37 -6.21 19.97
N CYS A 169 5.06 -5.17 19.17
CA CYS A 169 3.95 -4.26 19.42
C CYS A 169 2.91 -4.42 18.33
N HIS A 170 1.61 -4.29 18.68
CA HIS A 170 0.55 -4.35 17.67
C HIS A 170 -0.68 -3.57 18.08
N GLY A 171 -1.34 -2.97 17.10
CA GLY A 171 -2.59 -2.25 17.34
C GLY A 171 -3.72 -3.25 17.26
N ASP A 172 -4.64 -3.28 18.24
CA ASP A 172 -5.69 -4.30 18.17
C ASP A 172 -6.70 -4.08 17.02
N CYS A 173 -6.77 -2.87 16.42
CA CYS A 173 -7.67 -2.54 15.31
C CYS A 173 -6.91 -2.41 13.99
N ASP A 174 -5.76 -3.09 13.87
CA ASP A 174 -4.95 -3.00 12.65
C ASP A 174 -5.73 -3.60 11.49
N PRO A 175 -6.11 -2.80 10.49
CA PRO A 175 -6.89 -3.33 9.37
C PRO A 175 -6.03 -3.92 8.26
N LEU A 176 -4.69 -3.80 8.33
CA LEU A 176 -3.80 -4.27 7.28
C LEU A 176 -2.98 -5.50 7.70
N VAL A 177 -2.35 -5.47 8.86
CA VAL A 177 -1.64 -6.63 9.40
C VAL A 177 -2.50 -7.10 10.56
N PRO A 178 -3.39 -8.10 10.38
CA PRO A 178 -4.25 -8.54 11.51
C PRO A 178 -3.52 -8.78 12.84
N LEU A 179 -4.16 -8.42 13.95
CA LEU A 179 -3.63 -8.67 15.28
C LEU A 179 -3.26 -10.15 15.41
N MET A 180 -4.11 -11.01 14.83
CA MET A 180 -3.88 -12.44 14.82
C MET A 180 -2.48 -12.82 14.24
N PHE A 181 -2.00 -12.15 13.20
CA PHE A 181 -0.67 -12.49 12.67
C PHE A 181 0.42 -12.02 13.61
N GLY A 182 0.17 -10.91 14.33
CA GLY A 182 1.10 -10.48 15.35
C GLY A 182 1.16 -11.49 16.47
N SER A 183 -0.03 -12.01 16.91
CA SER A 183 -0.11 -13.00 17.97
CA SER A 183 -0.09 -13.00 17.97
C SER A 183 0.51 -14.33 17.53
N LEU A 184 0.21 -14.79 16.30
CA LEU A 184 0.78 -16.05 15.82
C LEU A 184 2.29 -15.92 15.71
N THR A 185 2.78 -14.72 15.34
CA THR A 185 4.22 -14.50 15.27
C THR A 185 4.85 -14.61 16.65
N VAL A 186 4.32 -13.94 17.68
CA VAL A 186 4.95 -14.01 19.00
C VAL A 186 4.89 -15.44 19.55
N GLU A 187 3.82 -16.21 19.26
CA GLU A 187 3.77 -17.60 19.72
C GLU A 187 4.89 -18.39 19.06
N LYS A 188 5.19 -18.10 17.79
CA LYS A 188 6.30 -18.73 17.11
C LYS A 188 7.65 -18.23 17.65
N LEU A 189 7.80 -16.93 17.90
CA LEU A 189 9.05 -16.42 18.50
C LEU A 189 9.35 -17.06 19.87
N LYS A 190 8.29 -17.32 20.69
CA LYS A 190 8.43 -17.97 22.01
C LYS A 190 8.94 -19.42 21.92
N THR A 191 8.90 -20.04 20.76
CA THR A 191 9.43 -21.37 20.54
C THR A 191 10.81 -21.29 19.89
N LEU A 192 11.09 -20.24 19.09
CA LEU A 192 12.41 -20.08 18.47
C LEU A 192 13.48 -19.59 19.46
N VAL A 193 13.11 -18.69 20.40
CA VAL A 193 14.07 -18.13 21.37
C VAL A 193 13.56 -18.31 22.79
N ASN A 194 14.34 -17.91 23.79
CA ASN A 194 13.93 -18.04 25.18
C ASN A 194 12.67 -17.22 25.39
N PRO A 195 11.54 -17.84 25.77
CA PRO A 195 10.30 -17.07 25.88
C PRO A 195 10.27 -16.05 27.02
N ALA A 196 11.15 -16.21 28.04
CA ALA A 196 11.22 -15.27 29.16
C ALA A 196 11.58 -13.87 28.70
N ASN A 197 12.20 -13.72 27.50
CA ASN A 197 12.64 -12.41 26.99
C ASN A 197 11.82 -11.94 25.78
N VAL A 198 10.64 -12.51 25.52
CA VAL A 198 9.77 -12.10 24.44
C VAL A 198 8.55 -11.47 25.08
N THR A 199 8.25 -10.22 24.73
CA THR A 199 7.08 -9.53 25.28
C THR A 199 6.19 -9.01 24.14
N PHE A 200 4.87 -9.30 24.20
CA PHE A 200 3.85 -8.78 23.26
C PHE A 200 3.01 -7.64 23.91
N LYS A 201 3.07 -6.41 23.33
CA LYS A 201 2.28 -5.28 23.84
C LYS A 201 1.27 -4.89 22.78
N THR A 202 0.02 -4.68 23.20
CA THR A 202 -1.07 -4.30 22.31
C THR A 202 -1.65 -2.93 22.73
N TYR A 203 -2.05 -2.17 21.72
CA TYR A 203 -2.52 -0.81 21.91
C TYR A 203 -3.97 -0.74 21.48
N GLU A 204 -4.85 -0.56 22.47
CA GLU A 204 -6.29 -0.50 22.23
C GLU A 204 -6.65 0.68 21.36
N GLY A 205 -7.40 0.42 20.30
CA GLY A 205 -7.85 1.45 19.38
C GLY A 205 -6.84 1.82 18.31
N MET A 206 -5.59 1.31 18.40
CA MET A 206 -4.57 1.61 17.40
C MET A 206 -4.77 0.74 16.16
N MET A 207 -4.61 1.36 15.00
CA MET A 207 -4.75 0.70 13.71
C MET A 207 -3.33 0.39 13.17
N HIS A 208 -3.09 0.46 11.84
CA HIS A 208 -1.76 0.20 11.28
C HIS A 208 -1.00 1.49 11.36
N SER A 209 -0.59 1.81 12.59
CA SER A 209 0.02 3.08 12.93
C SER A 209 0.92 2.97 14.14
N SER A 210 1.31 4.10 14.71
CA SER A 210 2.05 4.15 15.95
C SER A 210 1.30 5.00 16.94
N CYS A 211 1.68 4.92 18.21
CA CYS A 211 1.08 5.80 19.21
C CYS A 211 2.12 6.12 20.27
N GLN A 212 1.83 7.14 21.07
CA GLN A 212 2.75 7.58 22.09
C GLN A 212 3.05 6.52 23.12
N GLN A 213 2.03 5.77 23.60
CA GLN A 213 2.26 4.73 24.61
C GLN A 213 3.18 3.66 24.06
N GLU A 214 3.04 3.31 22.77
CA GLU A 214 3.96 2.36 22.15
C GLU A 214 5.40 2.89 22.13
N MET A 215 5.57 4.17 21.78
CA MET A 215 6.92 4.71 21.76
C MET A 215 7.50 4.77 23.15
N MET A 216 6.65 4.99 24.20
CA MET A 216 7.15 4.95 25.58
CA MET A 216 7.16 5.00 25.57
C MET A 216 7.57 3.56 25.98
N ASP A 217 6.83 2.54 25.54
CA ASP A 217 7.21 1.16 25.85
C ASP A 217 8.50 0.79 25.09
N VAL A 218 8.64 1.27 23.84
CA VAL A 218 9.86 1.06 23.04
C VAL A 218 11.05 1.75 23.78
N LYS A 219 10.82 2.97 24.28
CA LYS A 219 11.88 3.69 25.02
C LYS A 219 12.31 2.90 26.27
N GLN A 220 11.36 2.37 27.07
CA GLN A 220 11.73 1.59 28.27
C GLN A 220 12.51 0.32 27.90
N PHE A 221 12.10 -0.35 26.82
CA PHE A 221 12.79 -1.55 26.37
C PHE A 221 14.22 -1.24 25.93
N ILE A 222 14.38 -0.20 25.12
CA ILE A 222 15.68 0.25 24.63
C ILE A 222 16.56 0.63 25.82
N ASP A 223 16.04 1.39 26.77
CA ASP A 223 16.85 1.83 27.92
C ASP A 223 17.26 0.66 28.83
N LYS A 224 16.38 -0.34 28.98
CA LYS A 224 16.69 -1.51 29.80
C LYS A 224 17.79 -2.38 29.14
N LEU A 225 17.76 -2.51 27.82
CA LEU A 225 18.71 -3.37 27.12
C LEU A 225 20.00 -2.66 26.76
N LEU A 226 19.98 -1.31 26.58
CA LEU A 226 21.14 -0.52 26.20
C LEU A 226 21.34 0.57 27.25
N PRO A 227 21.53 0.17 28.52
CA PRO A 227 21.74 1.17 29.58
C PRO A 227 23.05 1.91 29.40
N PRO A 228 23.22 3.04 30.07
CA PRO A 228 24.52 3.72 30.01
C PRO A 228 25.61 2.81 30.60
N ILE A 229 26.83 2.88 30.06
CA ILE A 229 27.95 2.07 30.52
C ILE A 229 29.13 2.98 30.82
N ASP A 230 30.05 2.50 31.65
CA ASP A 230 31.26 3.26 32.00
C ASP A 230 32.30 3.16 30.88
N THR B 8 -1.44 22.04 -10.28
CA THR B 8 -1.08 20.63 -10.19
C THR B 8 -0.33 20.19 -11.47
N PRO B 9 0.45 19.08 -11.44
CA PRO B 9 1.12 18.64 -12.68
C PRO B 9 0.09 18.24 -13.73
N LEU B 10 0.31 18.58 -14.99
CA LEU B 10 -0.69 18.27 -16.02
C LEU B 10 -0.89 16.76 -16.19
N PRO B 11 -2.14 16.30 -16.45
CA PRO B 11 -2.37 14.88 -16.70
C PRO B 11 -1.49 14.33 -17.81
N ALA B 12 -1.24 13.03 -17.76
CA ALA B 12 -0.52 12.34 -18.84
C ALA B 12 -1.54 12.14 -19.96
N ILE B 13 -1.17 12.45 -21.19
CA ILE B 13 -2.09 12.44 -22.30
C ILE B 13 -1.61 11.59 -23.46
N VAL B 14 -2.55 10.85 -24.05
CA VAL B 14 -2.39 10.13 -25.31
C VAL B 14 -3.29 10.89 -26.27
N PRO B 15 -2.78 11.74 -27.16
CA PRO B 15 -3.66 12.53 -28.01
C PRO B 15 -4.28 11.73 -29.12
N ALA B 16 -5.35 12.30 -29.67
CA ALA B 16 -5.96 11.78 -30.87
C ALA B 16 -5.06 12.09 -32.05
N ALA B 17 -5.23 11.39 -33.17
CA ALA B 17 -4.37 11.61 -34.36
C ALA B 17 -4.68 12.91 -35.06
N ARG B 18 -5.93 13.34 -34.93
CA ARG B 18 -6.49 14.54 -35.49
C ARG B 18 -7.33 15.17 -34.36
N LYS B 19 -8.22 16.12 -34.66
CA LYS B 19 -9.07 16.69 -33.61
C LYS B 19 -9.88 15.55 -32.96
N ALA B 20 -9.79 15.38 -31.63
CA ALA B 20 -10.47 14.30 -30.92
C ALA B 20 -11.95 14.52 -30.91
N THR B 21 -12.72 13.45 -31.09
CA THR B 21 -14.18 13.48 -31.04
C THR B 21 -14.71 12.73 -29.82
N ALA B 22 -13.81 12.16 -29.00
CA ALA B 22 -14.18 11.42 -27.82
C ALA B 22 -13.00 11.41 -26.87
N ALA B 23 -13.23 11.09 -25.61
CA ALA B 23 -12.17 11.02 -24.65
C ALA B 23 -12.39 9.93 -23.63
N VAL B 24 -11.31 9.46 -23.06
CA VAL B 24 -11.27 8.52 -21.96
C VAL B 24 -10.50 9.19 -20.85
N ILE B 25 -11.09 9.31 -19.66
CA ILE B 25 -10.42 9.81 -18.47
C ILE B 25 -10.22 8.60 -17.57
N PHE B 26 -8.95 8.23 -17.33
CA PHE B 26 -8.64 7.04 -16.56
C PHE B 26 -7.86 7.41 -15.31
N LEU B 27 -8.31 6.93 -14.17
CA LEU B 27 -7.76 7.26 -12.86
C LEU B 27 -6.96 6.10 -12.27
N HIS B 28 -5.67 6.33 -12.05
CA HIS B 28 -4.75 5.33 -11.50
C HIS B 28 -5.09 4.98 -10.04
N GLY B 29 -4.45 3.92 -9.54
CA GLY B 29 -4.62 3.45 -8.19
C GLY B 29 -3.63 4.08 -7.21
N LEU B 30 -3.76 3.70 -5.94
CA LEU B 30 -2.91 4.23 -4.88
C LEU B 30 -1.41 4.09 -5.24
N GLY B 31 -0.62 5.13 -4.97
CA GLY B 31 0.83 5.08 -5.13
C GLY B 31 1.38 5.37 -6.50
N ASP B 32 0.53 5.39 -7.51
CA ASP B 32 0.96 5.54 -8.89
C ASP B 32 0.78 7.01 -9.40
N THR B 33 1.13 7.23 -10.65
CA THR B 33 0.87 8.44 -11.42
C THR B 33 0.02 8.00 -12.59
N GLY B 34 -0.38 8.91 -13.45
CA GLY B 34 -1.13 8.51 -14.64
C GLY B 34 -0.28 8.02 -15.80
N HIS B 35 1.06 8.10 -15.69
CA HIS B 35 1.97 7.77 -16.80
C HIS B 35 1.90 6.29 -17.26
N GLY B 36 1.92 5.36 -16.33
CA GLY B 36 1.84 3.92 -16.61
C GLY B 36 0.60 3.54 -17.39
N TRP B 37 -0.53 3.97 -16.87
CA TRP B 37 -1.83 3.77 -17.49
C TRP B 37 -1.93 4.49 -18.83
N ALA B 38 -1.32 5.69 -18.98
CA ALA B 38 -1.33 6.38 -20.31
C ALA B 38 -0.57 5.53 -21.36
N GLU B 39 0.52 4.84 -20.94
CA GLU B 39 1.26 3.93 -21.82
C GLU B 39 0.38 2.73 -22.21
N ALA B 40 -0.35 2.15 -21.26
CA ALA B 40 -1.27 1.05 -21.60
C ALA B 40 -2.36 1.49 -22.60
N PHE B 41 -2.96 2.67 -22.40
CA PHE B 41 -3.99 3.15 -23.33
C PHE B 41 -3.37 3.49 -24.68
N ALA B 42 -2.12 4.00 -24.73
CA ALA B 42 -1.47 4.25 -26.02
C ALA B 42 -1.40 2.95 -26.84
N GLY B 43 -1.20 1.83 -26.15
CA GLY B 43 -1.16 0.51 -26.79
C GLY B 43 -2.46 0.03 -27.40
N ILE B 44 -3.60 0.60 -26.98
CA ILE B 44 -4.92 0.28 -27.54
C ILE B 44 -5.60 1.52 -28.11
N ARG B 45 -4.82 2.57 -28.42
CA ARG B 45 -5.40 3.84 -28.82
C ARG B 45 -6.16 3.82 -30.14
N SER B 46 -7.20 4.67 -30.18
CA SER B 46 -8.04 4.94 -31.33
CA SER B 46 -8.03 4.93 -31.34
C SER B 46 -7.67 6.31 -31.87
N SER B 47 -7.61 6.46 -33.20
CA SER B 47 -7.20 7.71 -33.84
CA SER B 47 -7.22 7.71 -33.85
C SER B 47 -8.10 8.91 -33.49
N HIS B 48 -9.37 8.70 -33.11
CA HIS B 48 -10.26 9.82 -32.78
C HIS B 48 -10.44 10.04 -31.26
N ILE B 49 -9.71 9.30 -30.39
CA ILE B 49 -9.89 9.42 -28.95
C ILE B 49 -8.65 10.00 -28.30
N LYS B 50 -8.89 10.88 -27.32
CA LYS B 50 -7.86 11.48 -26.46
C LYS B 50 -7.95 10.75 -25.13
N TYR B 51 -6.82 10.32 -24.58
CA TYR B 51 -6.82 9.60 -23.29
C TYR B 51 -6.15 10.49 -22.28
N ILE B 52 -6.81 10.76 -21.17
CA ILE B 52 -6.30 11.65 -20.12
C ILE B 52 -6.15 10.84 -18.86
N CYS B 53 -4.95 10.86 -18.28
CA CYS B 53 -4.63 10.14 -17.07
C CYS B 53 -4.09 11.10 -16.06
N PRO B 54 -4.98 11.70 -15.25
CA PRO B 54 -4.55 12.69 -14.26
C PRO B 54 -3.79 12.04 -13.12
N HIS B 55 -3.01 12.85 -12.40
CA HIS B 55 -2.15 12.42 -11.30
C HIS B 55 -2.79 12.78 -9.97
N ALA B 56 -2.96 11.80 -9.08
CA ALA B 56 -3.52 12.06 -7.76
C ALA B 56 -2.51 12.83 -6.95
N PRO B 57 -2.95 13.72 -6.05
CA PRO B 57 -1.98 14.39 -5.18
C PRO B 57 -1.39 13.42 -4.18
N VAL B 58 -0.22 13.79 -3.71
CA VAL B 58 0.47 13.03 -2.68
C VAL B 58 -0.13 13.46 -1.34
N ARG B 59 -0.73 12.54 -0.58
CA ARG B 59 -1.32 12.81 0.74
C ARG B 59 -1.12 11.66 1.70
N PRO B 60 -1.22 11.94 3.02
CA PRO B 60 -1.11 10.86 4.01
C PRO B 60 -2.21 9.84 3.83
N VAL B 61 -1.88 8.56 3.97
CA VAL B 61 -2.87 7.48 3.85
C VAL B 61 -2.94 6.82 5.23
N THR B 62 -4.09 6.97 5.93
CA THR B 62 -4.24 6.43 7.28
C THR B 62 -3.98 4.94 7.40
N LEU B 63 -4.40 4.14 6.39
CA LEU B 63 -4.15 2.68 6.38
C LEU B 63 -2.66 2.33 6.51
N ASN B 64 -1.75 3.19 6.02
CA ASN B 64 -0.32 2.93 6.04
C ASN B 64 0.38 3.97 6.89
N MET B 65 -0.04 4.03 8.16
CA MET B 65 0.49 4.95 9.14
CA MET B 65 0.46 4.94 9.18
C MET B 65 0.69 6.37 8.64
N ASN B 66 -0.32 6.92 7.96
CA ASN B 66 -0.25 8.30 7.47
C ASN B 66 0.93 8.57 6.54
N VAL B 67 1.47 7.54 5.89
CA VAL B 67 2.58 7.75 4.97
C VAL B 67 2.02 8.44 3.74
N ALA B 68 2.72 9.49 3.29
CA ALA B 68 2.30 10.23 2.13
C ALA B 68 2.60 9.50 0.83
N MET B 69 1.58 9.34 0.01
CA MET B 69 1.75 8.80 -1.32
C MET B 69 0.63 9.28 -2.22
N PRO B 70 0.77 9.15 -3.54
CA PRO B 70 -0.34 9.53 -4.43
C PRO B 70 -1.60 8.79 -4.06
N SER B 71 -2.65 9.54 -3.77
CA SER B 71 -3.92 8.96 -3.36
C SER B 71 -5.06 9.93 -3.64
N TRP B 72 -6.13 9.43 -4.25
CA TRP B 72 -7.31 10.24 -4.58
C TRP B 72 -8.10 10.64 -3.35
N PHE B 73 -8.08 9.81 -2.31
CA PHE B 73 -8.80 10.06 -1.07
C PHE B 73 -8.22 9.11 -0.01
N ASP B 74 -8.56 9.31 1.24
CA ASP B 74 -7.96 8.49 2.29
C ASP B 74 -8.53 7.08 2.32
N ILE B 75 -7.71 6.12 2.77
CA ILE B 75 -8.10 4.74 2.95
C ILE B 75 -7.93 4.42 4.42
N ILE B 76 -9.00 3.89 5.06
CA ILE B 76 -9.04 3.61 6.46
C ILE B 76 -9.06 2.10 6.74
N GLY B 77 -9.74 1.32 5.91
CA GLY B 77 -9.84 -0.12 6.10
C GLY B 77 -10.13 -0.90 4.84
N LEU B 78 -10.06 -2.23 4.92
CA LEU B 78 -10.26 -3.13 3.78
C LEU B 78 -11.46 -4.07 3.95
N SER B 79 -12.29 -3.92 5.00
CA SER B 79 -13.38 -4.88 5.27
C SER B 79 -14.75 -4.25 5.02
N PRO B 80 -15.84 -5.06 4.87
CA PRO B 80 -17.17 -4.46 4.63
C PRO B 80 -17.68 -3.48 5.69
N ASP B 81 -17.21 -3.57 6.94
CA ASP B 81 -17.64 -2.64 7.98
C ASP B 81 -16.69 -1.44 8.11
N SER B 82 -15.68 -1.33 7.23
CA SER B 82 -14.70 -0.26 7.34
C SER B 82 -15.31 1.06 7.00
N GLN B 83 -14.87 2.10 7.70
CA GLN B 83 -15.32 3.44 7.39
C GLN B 83 -14.59 3.85 6.12
N GLU B 84 -15.27 4.60 5.24
CA GLU B 84 -14.65 5.14 4.04
C GLU B 84 -14.58 6.67 4.20
N ASP B 85 -13.65 7.31 3.46
CA ASP B 85 -13.40 8.76 3.53
C ASP B 85 -14.46 9.49 2.72
N GLU B 86 -15.64 9.65 3.31
CA GLU B 86 -16.78 10.24 2.63
C GLU B 86 -16.48 11.62 2.04
N SER B 87 -15.90 12.52 2.84
CA SER B 87 -15.62 13.88 2.38
C SER B 87 -14.55 13.90 1.29
N GLY B 88 -13.49 13.11 1.47
CA GLY B 88 -12.44 13.01 0.48
C GLY B 88 -12.90 12.44 -0.85
N ILE B 89 -13.76 11.39 -0.81
CA ILE B 89 -14.32 10.77 -2.00
C ILE B 89 -15.20 11.80 -2.74
N LYS B 90 -16.02 12.54 -2.00
CA LYS B 90 -16.89 13.53 -2.61
C LYS B 90 -16.07 14.67 -3.21
N GLN B 91 -15.02 15.15 -2.49
CA GLN B 91 -14.11 16.20 -2.97
C GLN B 91 -13.41 15.74 -4.27
N ALA B 92 -12.88 14.52 -4.26
CA ALA B 92 -12.21 13.98 -5.44
C ALA B 92 -13.17 13.86 -6.63
N ALA B 93 -14.43 13.44 -6.38
CA ALA B 93 -15.41 13.30 -7.45
C ALA B 93 -15.76 14.69 -8.06
N GLU B 94 -15.76 15.74 -7.23
CA GLU B 94 -15.97 17.10 -7.73
C GLU B 94 -14.83 17.50 -8.66
N ASN B 95 -13.59 17.13 -8.32
CA ASN B 95 -12.43 17.47 -9.17
C ASN B 95 -12.46 16.69 -10.46
N ILE B 96 -13.00 15.48 -10.44
CA ILE B 96 -13.13 14.71 -11.67
C ILE B 96 -14.26 15.30 -12.56
N LYS B 97 -15.36 15.72 -11.97
CA LYS B 97 -16.41 16.37 -12.75
C LYS B 97 -15.88 17.67 -13.41
N ALA B 98 -15.01 18.42 -12.74
CA ALA B 98 -14.40 19.63 -13.31
C ALA B 98 -13.45 19.26 -14.46
N LEU B 99 -12.78 18.09 -14.37
CA LEU B 99 -11.92 17.59 -15.44
C LEU B 99 -12.80 17.25 -16.65
N ILE B 100 -13.94 16.57 -16.40
CA ILE B 100 -14.88 16.27 -17.48
C ILE B 100 -15.31 17.58 -18.17
N ASP B 101 -15.71 18.60 -17.40
CA ASP B 101 -16.15 19.88 -17.98
C ASP B 101 -15.09 20.59 -18.82
N GLN B 102 -13.80 20.46 -18.47
CA GLN B 102 -12.69 21.03 -19.27
C GLN B 102 -12.68 20.41 -20.66
N GLU B 103 -12.94 19.10 -20.75
CA GLU B 103 -13.01 18.45 -22.06
C GLU B 103 -14.25 18.91 -22.83
N VAL B 104 -15.40 19.09 -22.15
CA VAL B 104 -16.61 19.63 -22.77
C VAL B 104 -16.33 21.04 -23.28
N LYS B 105 -15.63 21.86 -22.47
CA LYS B 105 -15.26 23.24 -22.83
C LYS B 105 -14.46 23.28 -24.15
N ASN B 106 -13.50 22.33 -24.31
CA ASN B 106 -12.63 22.26 -25.49
C ASN B 106 -13.28 21.59 -26.73
N GLY B 107 -14.52 21.11 -26.63
CA GLY B 107 -15.27 20.59 -27.78
C GLY B 107 -15.61 19.11 -27.80
N ILE B 108 -15.37 18.35 -26.71
CA ILE B 108 -15.74 16.93 -26.66
C ILE B 108 -16.98 16.81 -25.78
N PRO B 109 -18.19 16.54 -26.31
CA PRO B 109 -19.36 16.43 -25.42
C PRO B 109 -19.20 15.32 -24.38
N SER B 110 -19.79 15.51 -23.19
CA SER B 110 -19.67 14.52 -22.11
C SER B 110 -20.22 13.13 -22.52
N ASN B 111 -21.24 13.04 -23.41
CA ASN B 111 -21.75 11.75 -23.87
C ASN B 111 -20.74 11.02 -24.81
N ARG B 112 -19.58 11.62 -25.07
CA ARG B 112 -18.48 11.00 -25.83
C ARG B 112 -17.28 10.85 -24.92
N ILE B 113 -17.50 10.77 -23.59
CA ILE B 113 -16.43 10.56 -22.65
C ILE B 113 -16.69 9.31 -21.84
N ILE B 114 -15.65 8.47 -21.72
CA ILE B 114 -15.69 7.31 -20.84
C ILE B 114 -14.82 7.67 -19.65
N LEU B 115 -15.26 7.32 -18.45
CA LEU B 115 -14.51 7.53 -17.23
C LEU B 115 -14.09 6.14 -16.76
N GLY B 116 -12.93 6.00 -16.15
CA GLY B 116 -12.53 4.69 -15.70
C GLY B 116 -11.37 4.78 -14.78
N GLY B 117 -11.02 3.67 -14.16
CA GLY B 117 -9.87 3.68 -13.30
C GLY B 117 -9.50 2.32 -12.77
N PHE B 118 -8.36 2.27 -12.05
CA PHE B 118 -7.83 1.06 -11.43
C PHE B 118 -7.87 1.17 -9.93
N SER B 119 -8.45 0.18 -9.28
CA SER B 119 -8.53 0.07 -7.84
C SER B 119 -9.13 1.35 -7.26
N GLN B 120 -8.47 2.17 -6.38
CA GLN B 120 -9.18 3.33 -5.85
CA GLN B 120 -9.03 3.41 -5.86
C GLN B 120 -9.61 4.29 -6.97
N GLY B 121 -8.88 4.37 -8.08
CA GLY B 121 -9.32 5.20 -9.17
C GLY B 121 -10.54 4.67 -9.89
N GLY B 122 -10.69 3.34 -9.94
CA GLY B 122 -11.87 2.70 -10.47
C GLY B 122 -13.05 2.98 -9.58
N ALA B 123 -12.84 2.88 -8.28
CA ALA B 123 -13.88 3.21 -7.29
C ALA B 123 -14.31 4.67 -7.44
N LEU B 124 -13.36 5.59 -7.61
CA LEU B 124 -13.69 7.01 -7.82
C LEU B 124 -14.44 7.20 -9.14
N SER B 125 -14.09 6.44 -10.21
CA SER B 125 -14.80 6.58 -11.48
CA SER B 125 -14.78 6.55 -11.51
C SER B 125 -16.23 6.12 -11.38
N LEU B 126 -16.51 5.01 -10.64
CA LEU B 126 -17.90 4.59 -10.49
C LEU B 126 -18.67 5.61 -9.73
N TYR B 127 -18.12 6.07 -8.56
CA TYR B 127 -18.80 7.04 -7.70
C TYR B 127 -19.12 8.32 -8.46
N THR B 128 -18.14 8.85 -9.21
CA THR B 128 -18.33 10.08 -10.00
C THR B 128 -19.43 9.88 -11.06
N ALA B 129 -19.36 8.78 -11.84
CA ALA B 129 -20.34 8.51 -12.92
C ALA B 129 -21.75 8.39 -12.39
N LEU B 130 -21.92 7.77 -11.21
CA LEU B 130 -23.24 7.57 -10.61
C LEU B 130 -23.79 8.78 -9.87
N THR B 131 -22.98 9.83 -9.64
CA THR B 131 -23.41 11.03 -8.90
C THR B 131 -23.27 12.30 -9.70
N THR B 132 -22.97 12.22 -11.00
CA THR B 132 -22.88 13.44 -11.81
C THR B 132 -24.12 13.60 -12.66
N GLN B 133 -24.41 14.83 -13.06
CA GLN B 133 -25.50 15.09 -13.98
C GLN B 133 -24.98 15.24 -15.41
N GLN B 134 -23.66 15.02 -15.60
CA GLN B 134 -23.02 14.98 -16.91
C GLN B 134 -23.26 13.61 -17.48
N LYS B 135 -23.99 13.53 -18.58
CA LYS B 135 -24.24 12.23 -19.19
C LYS B 135 -22.94 11.75 -19.77
N LEU B 136 -22.48 10.56 -19.39
CA LEU B 136 -21.25 9.96 -19.85
C LEU B 136 -21.54 8.75 -20.73
N ALA B 137 -20.58 8.41 -21.60
CA ALA B 137 -20.69 7.27 -22.55
C ALA B 137 -20.52 5.92 -21.87
N GLY B 138 -19.72 5.85 -20.83
CA GLY B 138 -19.49 4.59 -20.14
C GLY B 138 -18.43 4.65 -19.06
N VAL B 139 -18.25 3.51 -18.35
CA VAL B 139 -17.24 3.38 -17.29
C VAL B 139 -16.45 2.06 -17.46
N THR B 140 -15.10 2.11 -17.30
CA THR B 140 -14.22 0.94 -17.30
C THR B 140 -13.65 0.87 -15.91
N ALA B 141 -14.23 0.00 -15.08
CA ALA B 141 -13.91 -0.12 -13.67
C ALA B 141 -13.04 -1.38 -13.43
N LEU B 142 -11.73 -1.17 -13.22
CA LEU B 142 -10.79 -2.28 -13.13
C LEU B 142 -10.35 -2.57 -11.70
N SER B 143 -10.46 -3.85 -11.26
CA SER B 143 -9.97 -4.35 -9.97
C SER B 143 -10.33 -3.40 -8.84
N CYS B 144 -11.60 -3.10 -8.69
CA CYS B 144 -12.06 -2.06 -7.75
C CYS B 144 -13.40 -2.42 -7.13
N TRP B 145 -14.03 -1.42 -6.50
CA TRP B 145 -15.28 -1.56 -5.77
C TRP B 145 -16.07 -0.29 -5.92
N LEU B 146 -17.35 -0.31 -5.57
CA LEU B 146 -18.19 0.88 -5.51
C LEU B 146 -18.03 1.46 -4.11
N PRO B 147 -17.47 2.69 -3.96
CA PRO B 147 -17.35 3.28 -2.63
C PRO B 147 -18.66 3.92 -2.16
N LEU B 148 -18.81 4.06 -0.83
CA LEU B 148 -20.01 4.62 -0.19
C LEU B 148 -21.26 3.89 -0.69
N ARG B 149 -21.17 2.56 -0.85
CA ARG B 149 -22.25 1.74 -1.42
C ARG B 149 -23.57 1.90 -0.68
N ALA B 150 -23.53 2.02 0.64
CA ALA B 150 -24.73 2.17 1.45
C ALA B 150 -25.42 3.54 1.27
N SER B 151 -24.72 4.57 0.75
CA SER B 151 -25.30 5.90 0.51
C SER B 151 -26.23 5.95 -0.72
N PHE B 152 -26.17 4.94 -1.60
CA PHE B 152 -27.02 4.91 -2.78
C PHE B 152 -28.38 4.32 -2.47
N PRO B 153 -29.42 4.61 -3.28
CA PRO B 153 -30.74 4.01 -3.02
C PRO B 153 -30.75 2.50 -3.29
N GLN B 154 -31.77 1.78 -2.76
CA GLN B 154 -31.84 0.33 -2.96
C GLN B 154 -32.56 -0.06 -4.28
N GLY B 155 -32.93 0.92 -5.10
CA GLY B 155 -33.52 0.73 -6.43
C GLY B 155 -32.72 1.51 -7.47
N PRO B 156 -33.29 1.74 -8.68
CA PRO B 156 -32.54 2.49 -9.70
C PRO B 156 -32.30 3.97 -9.34
N ILE B 157 -31.12 4.50 -9.72
CA ILE B 157 -30.76 5.90 -9.42
C ILE B 157 -31.54 6.92 -10.24
N GLY B 158 -31.85 6.60 -11.50
CA GLY B 158 -32.44 7.57 -12.40
C GLY B 158 -31.35 8.56 -12.79
N GLY B 159 -31.72 9.75 -13.19
CA GLY B 159 -30.71 10.74 -13.57
C GLY B 159 -30.05 10.49 -14.92
N ALA B 160 -29.06 11.31 -15.23
CA ALA B 160 -28.40 11.30 -16.54
C ALA B 160 -27.81 9.96 -16.94
N ASN B 161 -27.16 9.25 -16.01
CA ASN B 161 -26.44 7.99 -16.29
C ASN B 161 -27.22 6.73 -15.82
N ARG B 162 -28.56 6.77 -15.90
CA ARG B 162 -29.39 5.62 -15.51
C ARG B 162 -29.22 4.41 -16.43
N ASP B 163 -28.79 4.62 -17.68
CA ASP B 163 -28.58 3.55 -18.66
C ASP B 163 -27.11 3.49 -19.08
N ILE B 164 -26.19 3.96 -18.22
CA ILE B 164 -24.76 3.96 -18.55
C ILE B 164 -24.24 2.54 -18.70
N SER B 165 -23.35 2.34 -19.68
CA SER B 165 -22.68 1.06 -19.87
C SER B 165 -21.50 0.98 -18.93
N ILE B 166 -21.31 -0.15 -18.25
CA ILE B 166 -20.21 -0.35 -17.33
C ILE B 166 -19.53 -1.68 -17.64
N LEU B 167 -18.21 -1.64 -17.82
CA LEU B 167 -17.35 -2.82 -17.94
C LEU B 167 -16.59 -2.90 -16.62
N GLN B 168 -16.82 -3.96 -15.84
CA GLN B 168 -16.13 -4.22 -14.58
C GLN B 168 -15.21 -5.39 -14.82
N CYS B 169 -13.92 -5.21 -14.50
CA CYS B 169 -12.86 -6.22 -14.68
C CYS B 169 -12.22 -6.57 -13.37
N HIS B 170 -11.83 -7.85 -13.17
CA HIS B 170 -11.23 -8.24 -11.92
C HIS B 170 -10.43 -9.51 -12.13
N GLY B 171 -9.31 -9.64 -11.42
CA GLY B 171 -8.54 -10.87 -11.39
C GLY B 171 -9.06 -11.76 -10.30
N ASP B 172 -9.25 -13.05 -10.58
CA ASP B 172 -9.80 -13.96 -9.57
C ASP B 172 -8.77 -14.36 -8.48
N CYS B 173 -7.50 -13.92 -8.60
CA CYS B 173 -6.49 -14.15 -7.57
C CYS B 173 -6.04 -12.82 -6.97
N ASP B 174 -6.90 -11.80 -6.99
CA ASP B 174 -6.52 -10.51 -6.46
C ASP B 174 -6.36 -10.58 -4.93
N PRO B 175 -5.13 -10.39 -4.43
CA PRO B 175 -4.91 -10.49 -2.98
C PRO B 175 -5.22 -9.21 -2.21
N LEU B 176 -5.41 -8.07 -2.89
CA LEU B 176 -5.64 -6.79 -2.20
C LEU B 176 -7.13 -6.38 -2.24
N VAL B 177 -7.77 -6.40 -3.42
CA VAL B 177 -9.20 -6.14 -3.55
C VAL B 177 -9.82 -7.48 -3.88
N PRO B 178 -10.30 -8.25 -2.91
CA PRO B 178 -10.83 -9.57 -3.25
C PRO B 178 -11.87 -9.55 -4.37
N LEU B 179 -11.89 -10.61 -5.18
CA LEU B 179 -12.88 -10.75 -6.26
C LEU B 179 -14.30 -10.52 -5.75
N MET B 180 -14.64 -11.03 -4.55
CA MET B 180 -15.99 -10.85 -4.02
C MET B 180 -16.43 -9.37 -4.03
N PHE B 181 -15.52 -8.40 -3.85
CA PHE B 181 -15.90 -6.98 -3.87
C PHE B 181 -16.19 -6.52 -5.30
N GLY B 182 -15.50 -7.06 -6.29
CA GLY B 182 -15.81 -6.80 -7.68
C GLY B 182 -17.17 -7.38 -8.03
N SER B 183 -17.43 -8.63 -7.59
CA SER B 183 -18.72 -9.27 -7.78
C SER B 183 -19.83 -8.53 -7.07
N LEU B 184 -19.64 -8.13 -5.79
CA LEU B 184 -20.65 -7.41 -5.00
C LEU B 184 -20.91 -6.04 -5.60
N THR B 185 -19.87 -5.40 -6.14
CA THR B 185 -20.03 -4.11 -6.82
C THR B 185 -20.95 -4.32 -8.05
N VAL B 186 -20.70 -5.34 -8.85
CA VAL B 186 -21.56 -5.61 -10.00
C VAL B 186 -23.01 -5.87 -9.55
N GLU B 187 -23.20 -6.60 -8.43
CA GLU B 187 -24.55 -6.87 -7.91
C GLU B 187 -25.25 -5.57 -7.58
N LYS B 188 -24.59 -4.71 -6.81
CA LYS B 188 -25.12 -3.38 -6.50
C LYS B 188 -25.36 -2.51 -7.76
N LEU B 189 -24.41 -2.48 -8.73
CA LEU B 189 -24.57 -1.67 -9.95
C LEU B 189 -25.76 -2.13 -10.78
N LYS B 190 -26.00 -3.45 -10.84
CA LYS B 190 -27.15 -3.98 -11.58
C LYS B 190 -28.51 -3.54 -10.97
N THR B 191 -28.54 -3.07 -9.72
CA THR B 191 -29.78 -2.53 -9.12
C THR B 191 -29.89 -1.01 -9.32
N LEU B 192 -28.76 -0.30 -9.44
CA LEU B 192 -28.73 1.16 -9.60
C LEU B 192 -28.93 1.65 -11.04
N VAL B 193 -28.36 0.94 -12.04
CA VAL B 193 -28.47 1.29 -13.45
C VAL B 193 -29.07 0.10 -14.21
N ASN B 194 -29.32 0.27 -15.53
CA ASN B 194 -29.91 -0.79 -16.34
C ASN B 194 -28.96 -1.99 -16.35
N PRO B 195 -29.36 -3.15 -15.78
CA PRO B 195 -28.41 -4.28 -15.72
C PRO B 195 -27.95 -4.84 -17.06
N ALA B 196 -28.74 -4.64 -18.14
CA ALA B 196 -28.39 -5.12 -19.48
C ALA B 196 -27.08 -4.52 -19.99
N ASN B 197 -26.68 -3.32 -19.48
CA ASN B 197 -25.47 -2.64 -19.94
C ASN B 197 -24.29 -2.76 -18.94
N VAL B 198 -24.36 -3.68 -17.95
CA VAL B 198 -23.29 -3.91 -16.99
C VAL B 198 -22.68 -5.27 -17.34
N THR B 199 -21.39 -5.28 -17.68
CA THR B 199 -20.63 -6.48 -18.05
C THR B 199 -19.55 -6.69 -17.02
N PHE B 200 -19.40 -7.94 -16.52
CA PHE B 200 -18.38 -8.31 -15.56
C PHE B 200 -17.45 -9.34 -16.18
N LYS B 201 -16.16 -9.01 -16.35
CA LYS B 201 -15.16 -9.91 -16.89
C LYS B 201 -14.13 -10.25 -15.84
N THR B 202 -13.86 -11.56 -15.69
CA THR B 202 -12.87 -12.02 -14.73
C THR B 202 -11.72 -12.65 -15.48
N TYR B 203 -10.54 -12.53 -14.90
CA TYR B 203 -9.29 -12.97 -15.54
C TYR B 203 -8.64 -14.02 -14.64
N GLU B 204 -8.73 -15.27 -15.08
CA GLU B 204 -8.25 -16.40 -14.33
C GLU B 204 -6.75 -16.32 -14.08
N GLY B 205 -6.36 -16.34 -12.82
CA GLY B 205 -4.96 -16.29 -12.41
C GLY B 205 -4.44 -14.88 -12.22
N MET B 206 -5.17 -13.86 -12.69
CA MET B 206 -4.70 -12.48 -12.55
C MET B 206 -4.85 -12.04 -11.10
N MET B 207 -3.87 -11.28 -10.63
CA MET B 207 -3.83 -10.79 -9.28
C MET B 207 -4.27 -9.30 -9.28
N HIS B 208 -3.72 -8.44 -8.38
CA HIS B 208 -4.10 -7.01 -8.37
C HIS B 208 -3.22 -6.33 -9.40
N SER B 209 -3.56 -6.52 -10.65
CA SER B 209 -2.76 -5.99 -11.74
CA SER B 209 -2.75 -6.04 -11.75
C SER B 209 -3.60 -5.94 -13.00
N SER B 210 -2.95 -5.80 -14.15
CA SER B 210 -3.61 -5.79 -15.42
C SER B 210 -3.04 -6.90 -16.32
N CYS B 211 -3.69 -7.13 -17.44
CA CYS B 211 -3.15 -8.04 -18.44
C CYS B 211 -3.58 -7.57 -19.87
N GLN B 212 -2.88 -8.05 -20.92
CA GLN B 212 -3.12 -7.61 -22.29
C GLN B 212 -4.53 -7.97 -22.74
N GLN B 213 -5.04 -9.14 -22.33
CA GLN B 213 -6.37 -9.59 -22.71
C GLN B 213 -7.41 -8.65 -22.10
N GLU B 214 -7.24 -8.27 -20.84
CA GLU B 214 -8.10 -7.28 -20.19
C GLU B 214 -8.06 -5.98 -20.98
N MET B 215 -6.88 -5.52 -21.41
CA MET B 215 -6.79 -4.28 -22.19
C MET B 215 -7.48 -4.44 -23.54
N MET B 216 -7.44 -5.65 -24.15
CA MET B 216 -8.16 -5.85 -25.40
C MET B 216 -9.68 -5.82 -25.14
N ASP B 217 -10.15 -6.31 -23.99
CA ASP B 217 -11.57 -6.21 -23.64
C ASP B 217 -11.95 -4.75 -23.40
N VAL B 218 -11.05 -3.98 -22.78
CA VAL B 218 -11.31 -2.56 -22.55
C VAL B 218 -11.36 -1.82 -23.91
N LYS B 219 -10.43 -2.14 -24.83
CA LYS B 219 -10.39 -1.56 -26.18
C LYS B 219 -11.71 -1.78 -26.90
N GLN B 220 -12.20 -3.04 -26.93
CA GLN B 220 -13.45 -3.33 -27.63
C GLN B 220 -14.65 -2.62 -26.98
N PHE B 221 -14.68 -2.48 -25.64
CA PHE B 221 -15.77 -1.76 -24.97
C PHE B 221 -15.71 -0.27 -25.33
N ILE B 222 -14.52 0.32 -25.31
CA ILE B 222 -14.35 1.72 -25.67
C ILE B 222 -14.72 1.96 -27.14
N ASP B 223 -14.25 1.11 -28.06
CA ASP B 223 -14.49 1.31 -29.50
C ASP B 223 -15.99 1.14 -29.84
N LYS B 224 -16.72 0.32 -29.05
CA LYS B 224 -18.15 0.15 -29.29
C LYS B 224 -18.95 1.35 -28.76
N LEU B 225 -18.61 1.86 -27.55
CA LEU B 225 -19.32 2.99 -26.97
C LEU B 225 -18.88 4.36 -27.49
N LEU B 226 -17.66 4.45 -28.08
CA LEU B 226 -17.11 5.69 -28.66
C LEU B 226 -16.65 5.38 -30.08
N PRO B 227 -17.59 5.03 -30.98
CA PRO B 227 -17.18 4.72 -32.35
C PRO B 227 -16.79 5.96 -33.14
N PRO B 228 -16.11 5.80 -34.29
CA PRO B 228 -15.82 6.98 -35.13
C PRO B 228 -17.12 7.62 -35.63
N ILE B 229 -17.14 8.95 -35.77
CA ILE B 229 -18.34 9.65 -36.24
C ILE B 229 -18.01 10.48 -37.47
N ASP B 230 -19.06 10.83 -38.23
CA ASP B 230 -19.09 11.50 -39.55
C ASP B 230 -19.26 10.41 -40.63
N1 71Q C . 1.82 -12.31 4.89
C3 71Q C . 1.73 -6.01 3.95
N2 71Q C . 1.04 -13.90 7.10
C4 71Q C . 2.40 -4.92 3.18
C9 71Q C . 1.22 -13.63 4.69
C8 71Q C . 2.63 -11.91 3.74
C7 71Q C . 2.75 -10.40 3.63
C6 71Q C . 1.52 -8.36 4.54
C5 71Q C . 2.15 -7.33 3.84
C10 71Q C . 0.30 -13.95 5.84
C12 71Q C . 1.66 -14.89 9.28
C13 71Q C . 1.34 -15.22 10.56
C14 71Q C . 2.55 -15.19 11.30
C15 71Q C . 3.51 -14.84 10.47
C16 71Q C . 1.75 -12.64 7.30
C17 71Q C . 2.63 -12.33 6.11
N 71Q C . 1.86 -9.72 4.40
C 71Q C . 0.45 -8.03 5.37
O 71Q C . 3.01 -14.64 9.20
CL 71Q C . -0.34 -9.27 6.30
C1 71Q C . 0.02 -6.72 5.49
O1 71Q C . -0.05 -15.68 7.94
C2 71Q C . 0.66 -5.71 4.79
O2 71Q C . 3.58 -9.89 2.89
C11 71Q C . 0.85 -14.86 8.04
F 71Q C . 3.73 -5.04 3.17
F1 71Q C . 2.03 -4.89 1.90
F2 71Q C . 2.15 -3.71 3.64
H7 71Q C . 0.68 -13.73 3.74
H6 71Q C . 2.00 -14.38 4.65
H5 71Q C . 2.33 -12.35 2.79
H4 71Q C . 3.64 -12.28 3.85
H2 71Q C . 3.00 -7.53 3.18
H9 71Q C . -0.56 -13.27 5.83
H8 71Q C . -0.13 -14.93 5.70
H10 71Q C . 0.35 -15.46 10.95
H15 71Q C . 3.08 -11.36 6.27
H1 71Q C . 0.31 -4.69 4.92
C1 EDO D . 6.92 7.81 12.10
O1 EDO D . 5.92 8.42 11.28
C2 EDO D . 6.39 7.11 13.36
O2 EDO D . 5.00 7.28 13.58
C1 EDO E . 4.18 8.32 18.24
O1 EDO E . 3.09 7.88 17.47
C2 EDO E . 5.26 8.95 17.34
O2 EDO E . 4.74 10.10 16.71
C1 EDO F . 26.05 -15.50 9.99
O1 EDO F . 26.14 -14.30 10.78
C2 EDO F . 24.57 -15.78 9.58
O2 EDO F . 23.98 -14.62 8.91
C1 EDO G . 31.14 5.31 17.58
O1 EDO G . 30.39 5.63 18.73
C2 EDO G . 30.20 5.15 16.36
O2 EDO G . 29.33 6.28 16.22
C1 EDO H . 7.45 -19.08 0.90
O1 EDO H . 6.37 -18.17 1.04
C2 EDO H . 8.45 -18.49 -0.11
O2 EDO H . 7.81 -18.34 -1.37
CL CL I . 29.12 8.75 17.79
CL CL J . 4.65 -2.68 5.03
CL CL K . 27.16 4.82 27.85
C1 EDO L . -0.68 -1.26 -16.77
O1 EDO L . -0.72 -2.02 -15.59
C2 EDO L . -0.63 0.21 -16.35
O2 EDO L . 0.58 0.47 -15.67
N1 71Q M . -13.51 -1.26 1.23
C3 71Q M . -7.57 -0.61 -0.99
N2 71Q M . -15.57 -3.10 0.50
C4 71Q M . -6.49 0.41 -1.13
C9 71Q M . -14.21 -1.15 -0.05
C8 71Q M . -12.89 0.00 1.62
C7 71Q M . -11.54 0.18 0.96
C6 71Q M . -9.78 -1.23 -0.20
C5 71Q M . -8.79 -0.27 -0.41
C10 71Q M . -14.67 -2.52 -0.51
C12 71Q M . -17.47 -3.55 -0.98
C13 71Q M . -18.13 -4.47 -1.71
C14 71Q M . -18.62 -3.78 -2.87
C15 71Q M . -18.24 -2.51 -2.75
C16 71Q M . -14.95 -3.14 1.83
C17 71Q M . -14.47 -1.75 2.22
N 71Q M . -11.02 -0.96 0.45
C 71Q M . -9.51 -2.55 -0.58
O 71Q M . -17.52 -2.33 -1.60
CL 71Q M . -10.69 -3.78 -0.33
C1 71Q M . -8.30 -2.89 -1.17
O1 71Q M . -17.37 -4.27 1.21
C2 71Q M . -7.35 -1.92 -1.38
O2 71Q M . -11.00 1.28 0.90
C11 71Q M . -16.81 -3.62 0.33
F 71Q M . -6.92 1.58 -1.59
F1 71Q M . -5.86 0.64 0.01
F2 71Q M . -5.52 0.03 -1.98
H7 71Q M . -15.03 -0.44 -0.06
H6 71Q M . -13.49 -0.80 -0.79
H5 71Q M . -12.82 0.15 2.70
H4 71Q M . -13.49 0.85 1.30
H2 71Q M . -8.92 0.78 -0.14
H9 71Q M . -15.10 -2.44 -1.51
H8 71Q M . -13.82 -3.17 -0.63
H10 71Q M . -18.28 -5.52 -1.49
H15 71Q M . -15.32 -1.09 2.37
H1 71Q M . -6.44 -2.19 -1.91
C1 EDO N . 2.21 -9.41 -11.66
O1 EDO N . 0.92 -9.59 -11.05
C2 EDO N . 2.14 -9.27 -13.20
O2 EDO N . 1.71 -7.95 -13.62
CL CL O . -5.74 1.54 -4.82
#